data_1CW0
#
_entry.id   1CW0
#
_cell.length_a   63.000
_cell.length_b   63.000
_cell.length_c   152.500
_cell.angle_alpha   90.00
_cell.angle_beta   90.00
_cell.angle_gamma   120.00
#
_symmetry.space_group_name_H-M   'P 65'
#
loop_
_entity.id
_entity.type
_entity.pdbx_description
1 polymer "DNA (5'-D(*AP*CP*GP*TP*AP*CP*CP*TP*GP*GP*CP*T)-3')"
2 polymer "DNA (5'-D(*AP*GP*C)-3')"
3 polymer "DNA (5'-D(P*TP*AP*GP*GP*TP*AP*CP*GP*T)-3')"
4 polymer 'PROTEIN (DNA MISMATCH ENDONUCLEASE)'
5 non-polymer 'MAGNESIUM ION'
6 non-polymer 'ZINC ION'
7 water water
#
loop_
_entity_poly.entity_id
_entity_poly.type
_entity_poly.pdbx_seq_one_letter_code
_entity_poly.pdbx_strand_id
1 'polydeoxyribonucleotide' (DA)(DC)(DG)(DT)(DA)(DC)(DC)(DT)(DG)(DG)(DC)(DT) M
2 'polydeoxyribonucleotide' (DA)(DG)(DC) N
3 'polydeoxyribonucleotide' (DT)(DA)(DG)(DG)(DT)(DA)(DC)(DG)(DT) O
4 'polypeptide(L)'
;ADVHDKATRSKNMRAIATRDTAIEKRLASLLTGQGLAFRVQDASLPGRPDFVVDEYRCVIFTHGCFWHHHHCYLFKVPAT
RTEFWLEKIGKNVERDRRDISRLQELGWRVLIVWECALRGREKLTDEALTERLEEWICGEGASAQIDTQGIHLLA
;
A
#
# COMPACT_ATOMS: atom_id res chain seq x y z
N ALA D 1 -23.05 11.56 -5.53
CA ALA D 1 -23.30 11.98 -6.93
C ALA D 1 -21.99 11.99 -7.72
N ASP D 2 -21.90 11.11 -8.73
CA ASP D 2 -20.71 10.99 -9.54
C ASP D 2 -20.46 12.21 -10.42
N VAL D 3 -19.17 12.54 -10.62
CA VAL D 3 -18.79 13.66 -11.46
C VAL D 3 -18.60 13.19 -12.92
N HIS D 4 -18.81 11.89 -13.13
CA HIS D 4 -18.71 11.27 -14.45
C HIS D 4 -20.03 10.64 -14.83
N ASP D 5 -20.25 10.44 -16.12
CA ASP D 5 -21.44 9.74 -16.56
C ASP D 5 -21.10 8.25 -16.51
N LYS D 6 -22.10 7.39 -16.59
CA LYS D 6 -21.86 5.95 -16.51
C LYS D 6 -20.68 5.48 -17.36
N ALA D 7 -20.73 5.76 -18.67
CA ALA D 7 -19.68 5.37 -19.60
C ALA D 7 -18.30 5.82 -19.14
N THR D 8 -18.19 7.07 -18.70
CA THR D 8 -16.91 7.62 -18.27
C THR D 8 -16.43 7.00 -16.96
N ARG D 9 -17.33 6.82 -16.00
CA ARG D 9 -16.95 6.21 -14.74
C ARG D 9 -16.43 4.79 -15.00
N SER D 10 -17.07 4.11 -15.96
CA SER D 10 -16.66 2.76 -16.33
C SER D 10 -15.25 2.78 -16.93
N LYS D 11 -14.99 3.79 -17.75
CA LYS D 11 -13.68 3.96 -18.38
C LYS D 11 -12.63 4.17 -17.29
N ASN D 12 -12.91 5.09 -16.39
CA ASN D 12 -12.03 5.40 -15.27
C ASN D 12 -11.72 4.13 -14.45
N MET D 13 -12.77 3.37 -14.13
CA MET D 13 -12.63 2.14 -13.34
C MET D 13 -11.86 1.06 -14.11
N ARG D 14 -12.02 1.02 -15.44
CA ARG D 14 -11.34 0.03 -16.27
C ARG D 14 -9.84 0.31 -16.37
N ALA D 15 -9.45 1.57 -16.23
CA ALA D 15 -8.05 1.97 -16.33
C ALA D 15 -7.23 1.62 -15.08
N ILE D 16 -7.90 1.33 -13.98
CA ILE D 16 -7.23 1.00 -12.72
C ILE D 16 -6.51 -0.35 -12.79
N ALA D 17 -5.19 -0.32 -12.69
CA ALA D 17 -4.39 -1.54 -12.77
C ALA D 17 -4.35 -2.27 -11.42
N THR D 18 -3.94 -3.54 -11.45
CA THR D 18 -3.85 -4.37 -10.26
C THR D 18 -2.39 -4.55 -9.81
N ARG D 19 -1.48 -3.93 -10.55
CA ARG D 19 -0.04 -3.95 -10.26
C ARG D 19 0.60 -2.82 -11.06
N ASP D 20 1.77 -2.39 -10.64
CA ASP D 20 2.47 -1.32 -11.36
C ASP D 20 1.63 -0.05 -11.45
N THR D 21 0.93 0.25 -10.34
CA THR D 21 0.12 1.46 -10.23
C THR D 21 1.06 2.61 -9.94
N ALA D 22 0.54 3.83 -9.85
CA ALA D 22 1.38 5.00 -9.57
C ALA D 22 2.19 4.84 -8.29
N ILE D 23 1.54 4.41 -7.19
CA ILE D 23 2.23 4.26 -5.90
C ILE D 23 3.26 3.14 -5.93
N GLU D 24 3.00 2.10 -6.73
CA GLU D 24 3.94 0.99 -6.86
C GLU D 24 5.15 1.42 -7.68
N LYS D 25 4.91 2.26 -8.69
CA LYS D 25 6.01 2.75 -9.51
C LYS D 25 6.96 3.64 -8.71
N ARG D 26 6.42 4.50 -7.86
CA ARG D 26 7.29 5.38 -7.06
C ARG D 26 8.08 4.58 -6.03
N LEU D 27 7.42 3.61 -5.36
CA LEU D 27 8.14 2.77 -4.39
C LEU D 27 9.25 1.95 -5.08
N ALA D 28 8.92 1.37 -6.23
CA ALA D 28 9.90 0.59 -7.01
C ALA D 28 11.12 1.44 -7.29
N SER D 29 10.88 2.65 -7.78
CA SER D 29 11.94 3.60 -8.10
C SER D 29 12.78 3.95 -6.86
N LEU D 30 12.11 4.14 -5.72
CA LEU D 30 12.82 4.45 -4.47
C LEU D 30 13.71 3.27 -4.05
N LEU D 31 13.16 2.05 -4.11
CA LEU D 31 13.92 0.85 -3.75
C LEU D 31 15.08 0.62 -4.73
N THR D 32 14.84 0.82 -6.02
CA THR D 32 15.90 0.66 -7.02
C THR D 32 17.04 1.65 -6.76
N GLY D 33 16.70 2.90 -6.41
CA GLY D 33 17.71 3.90 -6.11
C GLY D 33 18.54 3.52 -4.88
N GLN D 34 17.94 2.71 -4.01
CA GLN D 34 18.59 2.25 -2.79
C GLN D 34 19.49 1.02 -3.07
N GLY D 35 19.44 0.52 -4.32
CA GLY D 35 20.26 -0.62 -4.72
C GLY D 35 19.72 -1.99 -4.31
N LEU D 36 18.44 -2.07 -3.94
CA LEU D 36 17.83 -3.34 -3.52
C LEU D 36 17.28 -4.15 -4.70
N ALA D 37 17.77 -5.37 -4.86
CA ALA D 37 17.29 -6.27 -5.92
C ALA D 37 16.06 -7.03 -5.43
N PHE D 38 14.95 -6.30 -5.34
CA PHE D 38 13.67 -6.83 -4.84
C PHE D 38 12.86 -7.58 -5.89
N ARG D 39 11.91 -8.37 -5.39
CA ARG D 39 10.98 -9.12 -6.22
C ARG D 39 9.62 -8.43 -6.08
N VAL D 40 8.69 -8.71 -6.98
CA VAL D 40 7.37 -8.09 -6.89
C VAL D 40 6.25 -9.10 -7.13
N GLN D 41 5.04 -8.69 -6.73
CA GLN D 41 3.80 -9.43 -6.95
C GLN D 41 3.95 -10.95 -6.65
N ASP D 42 4.37 -11.29 -5.43
CA ASP D 42 4.58 -12.69 -5.02
C ASP D 42 3.27 -13.44 -4.73
N ALA D 43 2.75 -14.13 -5.73
CA ALA D 43 1.52 -14.91 -5.61
C ALA D 43 1.67 -16.14 -4.72
N SER D 44 2.85 -16.39 -4.20
CA SER D 44 3.06 -17.55 -3.34
C SER D 44 2.87 -17.19 -1.86
N LEU D 45 2.84 -15.88 -1.57
CA LEU D 45 2.67 -15.38 -0.21
C LEU D 45 1.28 -14.78 -0.03
N PRO D 46 0.80 -14.72 1.23
CA PRO D 46 -0.54 -14.18 1.54
C PRO D 46 -0.64 -12.70 1.16
N GLY D 47 -1.74 -12.36 0.46
CA GLY D 47 -1.97 -10.99 0.04
C GLY D 47 -1.15 -10.57 -1.18
N ARG D 48 -0.38 -11.52 -1.73
CA ARG D 48 0.49 -11.28 -2.89
C ARG D 48 1.23 -9.95 -2.71
N PRO D 49 2.20 -9.93 -1.78
CA PRO D 49 2.99 -8.74 -1.47
C PRO D 49 3.43 -7.97 -2.73
N ASP D 50 3.26 -6.65 -2.71
CA ASP D 50 3.63 -5.83 -3.85
C ASP D 50 5.12 -5.92 -4.11
N PHE D 51 5.87 -5.95 -3.01
CA PHE D 51 7.31 -6.02 -3.03
C PHE D 51 7.82 -7.05 -2.04
N VAL D 52 8.90 -7.71 -2.42
CA VAL D 52 9.54 -8.70 -1.57
C VAL D 52 11.04 -8.45 -1.53
N VAL D 53 11.58 -8.38 -0.33
CA VAL D 53 13.00 -8.19 -0.14
C VAL D 53 13.53 -9.39 0.63
N ASP D 54 13.87 -10.45 -0.11
CA ASP D 54 14.35 -11.72 0.47
C ASP D 54 15.52 -11.53 1.42
N GLU D 55 16.47 -10.77 0.94
CA GLU D 55 17.72 -10.45 1.63
C GLU D 55 17.53 -9.94 3.06
N TYR D 56 16.39 -9.29 3.35
CA TYR D 56 16.10 -8.80 4.70
C TYR D 56 14.81 -9.40 5.26
N ARG D 57 14.40 -10.53 4.67
CA ARG D 57 13.20 -11.27 5.03
C ARG D 57 12.01 -10.33 5.38
N CYS D 58 11.69 -9.42 4.46
CA CYS D 58 10.58 -8.50 4.66
C CYS D 58 9.81 -8.27 3.38
N VAL D 59 8.54 -7.88 3.51
CA VAL D 59 7.68 -7.57 2.37
C VAL D 59 7.12 -6.15 2.52
N ILE D 60 6.68 -5.59 1.42
CA ILE D 60 6.13 -4.25 1.45
C ILE D 60 4.89 -4.13 0.61
N PHE D 61 3.86 -3.55 1.21
CA PHE D 61 2.62 -3.32 0.53
C PHE D 61 2.44 -1.82 0.31
N THR D 62 1.97 -1.43 -0.86
CA THR D 62 1.66 -0.03 -1.11
C THR D 62 0.15 0.02 -1.11
N HIS D 63 -0.44 0.70 -0.13
CA HIS D 63 -1.90 0.71 -0.04
C HIS D 63 -2.55 1.97 -0.60
N GLY D 64 -3.48 1.76 -1.54
CA GLY D 64 -4.25 2.88 -2.03
C GLY D 64 -5.20 3.28 -0.91
N CYS D 65 -5.25 4.55 -0.57
CA CYS D 65 -6.07 5.00 0.57
C CYS D 65 -7.57 4.74 0.43
N PHE D 66 -8.08 4.75 -0.80
CA PHE D 66 -9.51 4.45 -1.01
C PHE D 66 -9.76 2.94 -0.86
N TRP D 67 -9.07 2.15 -1.68
CA TRP D 67 -9.20 0.67 -1.71
C TRP D 67 -8.98 0.00 -0.38
N HIS D 68 -8.03 0.50 0.41
CA HIS D 68 -7.72 -0.10 1.70
C HIS D 68 -8.28 0.69 2.89
N HIS D 69 -9.13 1.67 2.59
CA HIS D 69 -9.74 2.51 3.60
C HIS D 69 -8.76 3.08 4.62
N HIS D 70 -7.94 4.01 4.19
CA HIS D 70 -7.06 4.68 5.12
C HIS D 70 -7.93 5.78 5.73
N HIS D 71 -7.76 6.08 7.00
CA HIS D 71 -8.58 7.15 7.60
C HIS D 71 -7.85 8.49 7.43
N CYS D 72 -7.78 8.93 6.19
CA CYS D 72 -7.07 10.16 5.83
C CYS D 72 -7.91 10.99 4.87
N TYR D 73 -7.40 12.17 4.53
CA TYR D 73 -8.11 13.09 3.63
C TYR D 73 -8.39 12.50 2.24
N LEU D 74 -7.70 11.44 1.85
CA LEU D 74 -7.92 10.85 0.53
C LEU D 74 -9.17 9.96 0.49
N PHE D 75 -9.65 9.53 1.66
CA PHE D 75 -10.79 8.62 1.73
C PHE D 75 -12.14 9.28 2.00
N LYS D 76 -13.09 8.97 1.13
CA LYS D 76 -14.47 9.42 1.24
C LYS D 76 -15.40 8.24 0.94
N VAL D 77 -16.44 8.08 1.75
CA VAL D 77 -17.38 6.98 1.52
C VAL D 77 -18.23 7.30 0.29
N PRO D 78 -18.21 6.43 -0.73
CA PRO D 78 -18.97 6.66 -1.96
C PRO D 78 -20.44 6.98 -1.67
N ALA D 79 -20.96 7.99 -2.36
CA ALA D 79 -22.35 8.42 -2.21
C ALA D 79 -23.27 7.70 -3.18
N THR D 80 -22.68 6.79 -3.96
CA THR D 80 -23.40 5.98 -4.94
C THR D 80 -23.12 4.50 -4.65
N ARG D 81 -24.18 3.70 -4.51
CA ARG D 81 -24.04 2.27 -4.19
C ARG D 81 -23.26 2.12 -2.89
N THR D 82 -23.56 2.99 -1.94
CA THR D 82 -22.88 3.04 -0.64
C THR D 82 -22.76 1.68 0.03
N GLU D 83 -23.88 0.94 0.12
CA GLU D 83 -23.90 -0.38 0.75
C GLU D 83 -22.88 -1.32 0.12
N PHE D 84 -22.85 -1.35 -1.20
CA PHE D 84 -21.91 -2.18 -1.94
C PHE D 84 -20.46 -1.83 -1.60
N TRP D 85 -20.13 -0.54 -1.67
CA TRP D 85 -18.77 -0.07 -1.38
C TRP D 85 -18.36 -0.29 0.05
N LEU D 86 -19.26 -0.04 0.99
CA LEU D 86 -18.94 -0.21 2.40
C LEU D 86 -18.60 -1.67 2.71
N GLU D 87 -19.36 -2.61 2.13
CA GLU D 87 -19.09 -4.03 2.34
C GLU D 87 -17.78 -4.43 1.66
N LYS D 88 -17.62 -4.03 0.40
CA LYS D 88 -16.42 -4.36 -0.38
C LYS D 88 -15.14 -3.79 0.29
N ILE D 89 -15.16 -2.49 0.61
CA ILE D 89 -14.00 -1.88 1.27
C ILE D 89 -13.80 -2.50 2.65
N GLY D 90 -14.91 -2.76 3.36
CA GLY D 90 -14.81 -3.38 4.67
C GLY D 90 -14.13 -4.73 4.58
N LYS D 91 -14.48 -5.53 3.57
CA LYS D 91 -13.87 -6.84 3.36
C LYS D 91 -12.38 -6.71 3.02
N ASN D 92 -12.03 -5.66 2.27
CA ASN D 92 -10.62 -5.42 1.93
C ASN D 92 -9.83 -5.19 3.21
N VAL D 93 -10.38 -4.36 4.11
CA VAL D 93 -9.72 -4.06 5.38
C VAL D 93 -9.51 -5.31 6.21
N GLU D 94 -10.54 -6.16 6.27
CA GLU D 94 -10.46 -7.42 7.03
C GLU D 94 -9.42 -8.37 6.41
N ARG D 95 -9.37 -8.42 5.08
CA ARG D 95 -8.41 -9.30 4.39
C ARG D 95 -6.97 -8.80 4.62
N ASP D 96 -6.79 -7.47 4.55
CA ASP D 96 -5.50 -6.84 4.80
C ASP D 96 -4.95 -7.26 6.15
N ARG D 97 -5.80 -7.24 7.18
CA ARG D 97 -5.40 -7.65 8.55
C ARG D 97 -4.94 -9.11 8.56
N ARG D 98 -5.76 -9.97 7.95
CA ARG D 98 -5.45 -11.41 7.90
C ARG D 98 -4.15 -11.68 7.15
N ASP D 99 -3.95 -10.99 6.01
CA ASP D 99 -2.73 -11.17 5.21
C ASP D 99 -1.50 -10.86 6.04
N ILE D 100 -1.56 -9.75 6.76
CA ILE D 100 -0.43 -9.34 7.59
C ILE D 100 -0.13 -10.40 8.64
N SER D 101 -1.17 -10.91 9.31
CA SER D 101 -1.03 -11.96 10.33
C SER D 101 -0.38 -13.22 9.78
N ARG D 102 -0.85 -13.67 8.62
CA ARG D 102 -0.30 -14.86 7.98
C ARG D 102 1.17 -14.67 7.64
N LEU D 103 1.50 -13.54 7.01
CA LEU D 103 2.89 -13.24 6.65
C LEU D 103 3.80 -13.30 7.88
N GLN D 104 3.33 -12.72 8.98
CA GLN D 104 4.08 -12.70 10.23
C GLN D 104 4.26 -14.13 10.76
N GLU D 105 3.22 -14.95 10.63
CA GLU D 105 3.26 -16.35 11.04
C GLU D 105 4.29 -17.13 10.21
N LEU D 106 4.59 -16.61 9.00
CA LEU D 106 5.56 -17.25 8.11
C LEU D 106 6.99 -16.73 8.34
N GLY D 107 7.15 -15.79 9.27
CA GLY D 107 8.47 -15.24 9.58
C GLY D 107 8.84 -14.00 8.77
N TRP D 108 7.85 -13.38 8.13
CA TRP D 108 8.11 -12.19 7.32
C TRP D 108 7.75 -10.91 8.07
N ARG D 109 8.66 -9.93 8.00
CA ARG D 109 8.39 -8.61 8.58
C ARG D 109 7.59 -7.83 7.52
N VAL D 110 6.53 -7.13 7.94
CA VAL D 110 5.68 -6.42 6.98
C VAL D 110 5.70 -4.90 7.13
N LEU D 111 5.81 -4.21 5.99
CA LEU D 111 5.78 -2.75 5.97
C LEU D 111 4.65 -2.27 5.06
N ILE D 112 3.82 -1.41 5.60
CA ILE D 112 2.71 -0.87 4.83
C ILE D 112 3.04 0.57 4.47
N VAL D 113 2.98 0.89 3.18
CA VAL D 113 3.23 2.25 2.73
C VAL D 113 1.94 2.81 2.15
N TRP D 114 1.33 3.75 2.87
CA TRP D 114 0.07 4.34 2.43
C TRP D 114 0.28 5.30 1.27
N GLU D 115 -0.70 5.32 0.36
CA GLU D 115 -0.65 6.14 -0.83
C GLU D 115 -0.41 7.64 -0.53
N CYS D 116 -1.10 8.19 0.46
CA CYS D 116 -0.95 9.60 0.80
C CYS D 116 0.51 9.98 1.10
N ALA D 117 1.32 9.02 1.53
CA ALA D 117 2.73 9.29 1.80
C ALA D 117 3.56 9.32 0.51
N LEU D 118 3.03 8.67 -0.53
CA LEU D 118 3.70 8.57 -1.83
C LEU D 118 3.23 9.63 -2.85
N ARG D 119 1.96 10.05 -2.79
CA ARG D 119 1.47 11.07 -3.74
C ARG D 119 0.43 11.97 -3.09
N GLY D 120 0.25 13.16 -3.66
CA GLY D 120 -0.71 14.11 -3.12
C GLY D 120 -0.01 15.28 -2.45
N ARG D 121 -0.78 16.28 -2.02
CA ARG D 121 -0.21 17.47 -1.39
C ARG D 121 0.50 17.19 -0.05
N GLU D 122 0.34 15.98 0.49
CA GLU D 122 0.95 15.66 1.78
C GLU D 122 2.09 14.63 1.64
N LYS D 123 2.39 14.19 0.40
CA LYS D 123 3.42 13.17 0.17
C LYS D 123 4.76 13.55 0.78
N LEU D 124 5.45 12.54 1.32
CA LEU D 124 6.77 12.72 1.90
C LEU D 124 7.78 12.96 0.80
N THR D 125 8.92 13.54 1.15
CA THR D 125 9.97 13.79 0.16
C THR D 125 10.69 12.49 -0.19
N ASP D 126 11.43 12.53 -1.30
CA ASP D 126 12.19 11.36 -1.73
C ASP D 126 13.18 10.94 -0.66
N GLU D 127 13.81 11.95 -0.06
CA GLU D 127 14.80 11.79 0.98
C GLU D 127 14.19 11.20 2.24
N ALA D 128 13.06 11.75 2.66
CA ALA D 128 12.38 11.28 3.86
C ALA D 128 11.92 9.84 3.68
N LEU D 129 11.44 9.51 2.48
CA LEU D 129 10.97 8.16 2.20
C LEU D 129 12.15 7.18 2.15
N THR D 130 13.17 7.52 1.37
CA THR D 130 14.36 6.70 1.24
C THR D 130 14.98 6.38 2.60
N GLU D 131 15.08 7.37 3.47
CA GLU D 131 15.68 7.20 4.80
C GLU D 131 14.86 6.25 5.66
N ARG D 132 13.54 6.45 5.70
CA ARG D 132 12.66 5.60 6.51
C ARG D 132 12.62 4.17 5.98
N LEU D 133 12.69 4.03 4.67
CA LEU D 133 12.68 2.71 4.04
C LEU D 133 13.95 1.94 4.39
N GLU D 134 15.09 2.57 4.13
CA GLU D 134 16.38 1.94 4.36
C GLU D 134 16.53 1.54 5.83
N GLU D 135 16.13 2.43 6.73
CA GLU D 135 16.22 2.14 8.16
C GLU D 135 15.30 0.99 8.57
N TRP D 136 14.07 0.96 8.04
CA TRP D 136 13.16 -0.12 8.38
C TRP D 136 13.57 -1.45 7.77
N ILE D 137 13.88 -1.46 6.48
CA ILE D 137 14.27 -2.68 5.77
C ILE D 137 15.55 -3.30 6.34
N CYS D 138 16.61 -2.48 6.45
CA CYS D 138 17.90 -2.92 6.96
C CYS D 138 17.92 -3.16 8.48
N GLY D 139 16.95 -2.59 9.20
CA GLY D 139 16.90 -2.81 10.63
C GLY D 139 16.22 -4.13 10.97
N GLU D 140 15.87 -4.31 12.23
CA GLU D 140 15.20 -5.55 12.66
C GLU D 140 13.84 -5.23 13.26
N GLY D 141 13.41 -3.98 13.08
CA GLY D 141 12.14 -3.51 13.60
C GLY D 141 10.95 -4.31 13.11
N ALA D 142 10.00 -4.51 14.01
CA ALA D 142 8.79 -5.26 13.69
C ALA D 142 7.97 -4.52 12.64
N SER D 143 6.89 -5.15 12.20
CA SER D 143 6.02 -4.56 11.19
C SER D 143 5.64 -3.12 11.52
N ALA D 144 5.51 -2.31 10.47
CA ALA D 144 5.18 -0.89 10.62
C ALA D 144 4.45 -0.34 9.38
N GLN D 145 4.08 0.93 9.44
CA GLN D 145 3.40 1.59 8.35
C GLN D 145 3.91 3.01 8.23
N ILE D 146 3.89 3.52 7.02
CA ILE D 146 4.32 4.87 6.75
C ILE D 146 3.18 5.66 6.18
N ASP D 147 2.85 6.76 6.85
CA ASP D 147 1.81 7.65 6.40
C ASP D 147 2.41 9.05 6.25
N THR D 148 1.55 10.08 6.19
CA THR D 148 2.04 11.45 6.06
C THR D 148 2.78 11.92 7.32
N GLN D 149 2.53 11.24 8.44
CA GLN D 149 3.14 11.58 9.73
C GLN D 149 4.41 10.73 9.98
N GLY D 150 4.96 10.13 8.93
CA GLY D 150 6.16 9.31 9.10
C GLY D 150 5.89 7.82 9.26
N ILE D 151 6.80 7.13 9.96
CA ILE D 151 6.70 5.68 10.18
C ILE D 151 6.27 5.35 11.62
N HIS D 152 5.48 4.27 11.76
CA HIS D 152 4.98 3.83 13.06
C HIS D 152 4.82 2.31 13.08
N LEU D 153 5.15 1.69 14.22
CA LEU D 153 5.01 0.24 14.35
C LEU D 153 3.54 -0.13 14.32
N LEU D 154 3.22 -1.29 13.75
CA LEU D 154 1.83 -1.73 13.70
C LEU D 154 1.40 -2.16 15.11
N ALA D 155 0.19 -1.76 15.49
CA ALA D 155 -0.39 -2.05 16.81
C ALA D 155 0.18 -3.31 17.46
#